data_7A0B
#
_entry.id   7A0B
#
_cell.length_a   127.860
_cell.length_b   127.860
_cell.length_c   115.735
_cell.angle_alpha   90.000
_cell.angle_beta   90.000
_cell.angle_gamma   120.000
#
_symmetry.space_group_name_H-M   'P 65 2 2'
#
loop_
_entity.id
_entity.type
_entity.pdbx_description
1 polymer 'Queuine tRNA-ribosyltransferase'
2 non-polymer 'ZINC ION'
3 non-polymer GLYCEROL
4 non-polymer (3~{R},4~{R})-1,1-bis(oxidanylidene)thiolane-3,4-diol
5 non-polymer 1,2-ETHANEDIOL
6 water water
#
_entity_poly.entity_id   1
_entity_poly.type   'polypeptide(L)'
_entity_poly.pdbx_seq_one_letter_code
;GSMVEATAQETDRPRFSFSIAAREGKARTGTIEMKRGVIRTPAFMPVGTAATVKALKPETVRATGADIILGNTYHLMLRP
GAERIAKLGGLHSFMGWDRPILTDSGGYQVMSLSSLTKQSEEGVTFKSHLDGSRHMLSPERSIEIQHLLGSDIVMAFDES
TPYPATPSRAASSMERSMRWAKRSRDAFDSRKEQAENAALFGIQQGSVFENLRQQSADALAEIGFDGYAVGGLAVGEGQD
EMFRVLDFSVPMLPDDKPHYLMGVGKPDDIVGAVERGIDMFDSVLPTRSGRNGQAFTWDGPINIRNARFSEDLKPLDSEC
HCAVCQKWSRACIHALIRAGEILGAMLMTEHNIAFYQQLMQKIRDSISEGRFSQFAQDFRARYFARNS
;
_entity_poly.pdbx_strand_id   A
#
loop_
_chem_comp.id
_chem_comp.type
_chem_comp.name
_chem_comp.formula
EDO non-polymer 1,2-ETHANEDIOL 'C2 H6 O2'
GOL non-polymer GLYCEROL 'C3 H8 O3'
QTQ non-polymer (3~{R},4~{R})-1,1-bis(oxidanylidene)thiolane-3,4-diol 'C4 H8 O4 S'
ZN non-polymer 'ZINC ION' 'Zn 2'
#
# COMPACT_ATOMS: atom_id res chain seq x y z
N ARG A 13 -16.58 -4.49 -18.45
CA ARG A 13 -15.68 -3.71 -17.62
C ARG A 13 -14.41 -3.35 -18.39
N PRO A 14 -13.93 -2.13 -18.20
CA PRO A 14 -12.75 -1.68 -18.93
C PRO A 14 -11.45 -2.14 -18.28
N ARG A 15 -10.36 -1.98 -19.04
CA ARG A 15 -9.03 -2.29 -18.53
C ARG A 15 -8.69 -1.44 -17.31
N PHE A 16 -8.89 -0.12 -17.41
CA PHE A 16 -8.54 0.79 -16.32
C PHE A 16 -9.19 2.14 -16.54
N SER A 17 -10.19 2.48 -15.72
CA SER A 17 -10.89 3.75 -15.83
C SER A 17 -11.03 4.39 -14.47
N PHE A 18 -10.37 5.53 -14.27
CA PHE A 18 -10.43 6.31 -13.03
C PHE A 18 -11.42 7.45 -13.22
N SER A 19 -12.42 7.52 -12.35
CA SER A 19 -13.43 8.58 -12.39
C SER A 19 -13.47 9.26 -11.04
N ILE A 20 -13.38 10.58 -11.03
CA ILE A 20 -13.46 11.35 -9.80
C ILE A 20 -14.91 11.80 -9.62
N ALA A 21 -15.54 11.38 -8.53
CA ALA A 21 -16.93 11.70 -8.27
C ALA A 21 -17.11 12.98 -7.48
N ALA A 22 -16.17 13.33 -6.61
CA ALA A 22 -16.30 14.53 -5.80
C ALA A 22 -14.93 14.96 -5.32
N ARG A 23 -14.79 16.27 -5.08
N ARG A 23 -14.79 16.26 -5.07
CA ARG A 23 -13.53 16.85 -4.63
CA ARG A 23 -13.53 16.85 -4.63
C ARG A 23 -13.78 17.78 -3.45
C ARG A 23 -13.77 17.79 -3.46
N GLU A 24 -12.75 17.93 -2.61
CA GLU A 24 -12.76 18.94 -1.56
C GLU A 24 -11.33 19.40 -1.39
N GLY A 25 -11.02 20.61 -1.87
CA GLY A 25 -9.64 21.05 -1.89
C GLY A 25 -8.81 20.13 -2.77
N LYS A 26 -7.73 19.60 -2.21
CA LYS A 26 -6.89 18.66 -2.96
C LYS A 26 -7.42 17.23 -2.90
N ALA A 27 -8.32 16.93 -1.96
CA ALA A 27 -8.85 15.59 -1.78
C ALA A 27 -9.83 15.23 -2.89
N ARG A 28 -9.83 13.94 -3.27
CA ARG A 28 -10.75 13.43 -4.28
C ARG A 28 -11.31 12.10 -3.80
N THR A 29 -12.53 11.80 -4.23
CA THR A 29 -13.09 10.46 -4.06
C THR A 29 -13.73 9.99 -5.37
N GLY A 30 -13.60 8.70 -5.64
CA GLY A 30 -14.07 8.16 -6.90
C GLY A 30 -13.88 6.66 -6.99
N THR A 31 -13.65 6.17 -8.21
CA THR A 31 -13.55 4.74 -8.45
C THR A 31 -12.51 4.49 -9.53
N ILE A 32 -11.82 3.35 -9.41
CA ILE A 32 -11.04 2.78 -10.50
C ILE A 32 -11.75 1.52 -10.94
N GLU A 33 -12.20 1.47 -12.19
CA GLU A 33 -12.80 0.26 -12.73
C GLU A 33 -11.75 -0.54 -13.49
N MET A 34 -11.63 -1.82 -13.16
CA MET A 34 -10.76 -2.76 -13.85
C MET A 34 -11.56 -4.01 -14.18
N LYS A 35 -10.96 -4.90 -14.98
CA LYS A 35 -11.69 -6.08 -15.41
C LYS A 35 -12.07 -6.97 -14.23
N ARG A 36 -11.23 -7.02 -13.19
N ARG A 36 -11.24 -7.02 -13.19
CA ARG A 36 -11.50 -7.88 -12.05
CA ARG A 36 -11.52 -7.89 -12.05
C ARG A 36 -12.29 -7.20 -10.94
C ARG A 36 -12.31 -7.20 -10.94
N GLY A 37 -12.64 -5.93 -11.08
CA GLY A 37 -13.52 -5.31 -10.11
C GLY A 37 -13.28 -3.81 -10.01
N VAL A 38 -14.13 -3.20 -9.17
CA VAL A 38 -14.09 -1.76 -8.92
C VAL A 38 -13.36 -1.49 -7.62
N ILE A 39 -12.48 -0.49 -7.65
CA ILE A 39 -11.71 -0.03 -6.49
C ILE A 39 -12.24 1.34 -6.10
N ARG A 40 -12.75 1.46 -4.87
CA ARG A 40 -13.23 2.74 -4.37
C ARG A 40 -12.06 3.57 -3.86
N THR A 41 -12.02 4.86 -4.23
CA THR A 41 -10.87 5.67 -3.80
C THR A 41 -11.32 6.89 -2.97
N PRO A 42 -10.51 7.32 -1.98
CA PRO A 42 -9.20 6.78 -1.60
C PRO A 42 -9.28 5.35 -1.07
N ALA A 43 -8.26 4.55 -1.41
CA ALA A 43 -8.26 3.12 -1.20
C ALA A 43 -7.10 2.73 -0.30
N PHE A 44 -7.33 1.76 0.58
CA PHE A 44 -6.25 1.12 1.31
C PHE A 44 -6.11 -0.32 0.84
N MET A 45 -4.89 -0.70 0.46
CA MET A 45 -4.58 -2.05 -0.01
C MET A 45 -3.86 -2.81 1.09
N PRO A 46 -4.46 -3.83 1.70
CA PRO A 46 -3.71 -4.72 2.59
C PRO A 46 -2.66 -5.47 1.80
N VAL A 47 -1.60 -5.88 2.50
CA VAL A 47 -0.50 -6.64 1.88
C VAL A 47 -0.83 -8.11 1.96
N GLY A 48 -0.92 -8.76 0.82
CA GLY A 48 -1.34 -10.14 0.76
C GLY A 48 -0.18 -11.11 0.91
N THR A 49 -0.52 -12.35 1.25
CA THR A 49 0.44 -13.47 1.24
C THR A 49 -0.27 -14.67 0.62
N ALA A 50 0.39 -15.83 0.63
CA ALA A 50 -0.26 -17.05 0.17
C ALA A 50 -1.46 -17.37 1.06
N ALA A 51 -2.49 -17.97 0.46
CA ALA A 51 -3.68 -18.35 1.22
C ALA A 51 -3.39 -19.67 1.93
N THR A 52 -2.97 -19.58 3.20
CA THR A 52 -2.68 -20.75 4.05
C THR A 52 -3.30 -20.52 5.43
N VAL A 53 -3.14 -21.52 6.31
CA VAL A 53 -3.72 -21.42 7.65
C VAL A 53 -3.02 -20.36 8.51
N LYS A 54 -1.81 -19.93 8.12
CA LYS A 54 -1.08 -18.94 8.90
C LYS A 54 -1.55 -17.51 8.66
N ALA A 55 -2.46 -17.28 7.72
CA ALA A 55 -2.89 -15.93 7.36
C ALA A 55 -4.41 -15.87 7.42
N LEU A 56 -4.96 -14.66 7.43
CA LEU A 56 -6.41 -14.53 7.34
C LEU A 56 -6.88 -15.17 6.05
N LYS A 57 -8.09 -15.72 6.06
CA LYS A 57 -8.68 -16.23 4.81
C LYS A 57 -8.99 -15.09 3.85
N PRO A 58 -8.87 -15.30 2.54
CA PRO A 58 -9.16 -14.20 1.62
C PRO A 58 -10.59 -13.73 1.70
N GLU A 59 -11.54 -14.62 2.02
CA GLU A 59 -12.92 -14.16 2.17
C GLU A 59 -13.06 -13.23 3.38
N THR A 60 -12.22 -13.43 4.40
CA THR A 60 -12.22 -12.55 5.56
C THR A 60 -11.67 -11.18 5.19
N VAL A 61 -10.55 -11.15 4.46
CA VAL A 61 -9.97 -9.89 4.01
C VAL A 61 -10.96 -9.14 3.12
N ARG A 62 -11.64 -9.84 2.22
CA ARG A 62 -12.64 -9.16 1.40
C ARG A 62 -13.78 -8.61 2.26
N ALA A 63 -14.25 -9.38 3.24
CA ALA A 63 -15.37 -8.91 4.05
C ALA A 63 -15.00 -7.70 4.90
N THR A 64 -13.71 -7.45 5.15
CA THR A 64 -13.35 -6.21 5.85
C THR A 64 -13.56 -4.98 4.98
N GLY A 65 -13.73 -5.15 3.67
CA GLY A 65 -13.97 -4.03 2.76
C GLY A 65 -12.88 -3.82 1.72
N ALA A 66 -11.79 -4.57 1.76
CA ALA A 66 -10.72 -4.39 0.79
C ALA A 66 -11.21 -4.70 -0.62
N ASP A 67 -10.91 -3.79 -1.56
CA ASP A 67 -11.21 -3.94 -2.98
C ASP A 67 -10.04 -4.46 -3.80
N ILE A 68 -8.82 -4.38 -3.26
CA ILE A 68 -7.61 -4.73 -3.98
C ILE A 68 -6.57 -5.00 -2.91
N ILE A 69 -5.67 -5.96 -3.16
CA ILE A 69 -4.59 -6.26 -2.24
C ILE A 69 -3.27 -6.11 -2.99
N LEU A 70 -2.18 -6.08 -2.23
CA LEU A 70 -0.85 -5.89 -2.79
C LEU A 70 -0.01 -7.15 -2.63
N GLY A 71 0.76 -7.48 -3.67
CA GLY A 71 1.76 -8.54 -3.59
C GLY A 71 3.16 -7.96 -3.76
N ASN A 72 4.11 -8.45 -2.95
CA ASN A 72 5.52 -8.04 -2.99
C ASN A 72 6.27 -8.93 -3.97
N THR A 73 6.66 -8.37 -5.12
CA THR A 73 7.31 -9.15 -6.17
C THR A 73 8.60 -9.80 -5.68
N TYR A 74 9.38 -9.04 -4.90
CA TYR A 74 10.65 -9.57 -4.39
C TYR A 74 10.45 -10.83 -3.57
N HIS A 75 9.51 -10.80 -2.63
CA HIS A 75 9.31 -11.97 -1.78
C HIS A 75 8.75 -13.14 -2.58
N LEU A 76 7.87 -12.86 -3.53
CA LEU A 76 7.29 -13.91 -4.37
C LEU A 76 8.33 -14.51 -5.31
N MET A 77 9.31 -13.72 -5.76
CA MET A 77 10.40 -14.27 -6.56
C MET A 77 11.23 -15.26 -5.75
N LEU A 78 11.48 -14.95 -4.47
CA LEU A 78 12.33 -15.82 -3.67
C LEU A 78 11.60 -17.09 -3.23
N ARG A 79 10.30 -17.00 -3.00
CA ARG A 79 9.53 -18.18 -2.61
C ARG A 79 8.06 -17.95 -2.91
N PRO A 80 7.44 -18.78 -3.76
CA PRO A 80 8.01 -19.96 -4.41
C PRO A 80 8.61 -19.69 -5.79
N GLY A 81 8.71 -18.42 -6.18
CA GLY A 81 9.14 -18.07 -7.52
C GLY A 81 7.98 -17.75 -8.42
N ALA A 82 8.14 -16.78 -9.33
CA ALA A 82 7.03 -16.38 -10.19
C ALA A 82 6.71 -17.45 -11.25
N GLU A 83 7.70 -18.23 -11.67
N GLU A 83 7.71 -18.22 -11.68
CA GLU A 83 7.41 -19.30 -12.61
CA GLU A 83 7.43 -19.31 -12.61
C GLU A 83 6.49 -20.34 -11.98
C GLU A 83 6.48 -20.33 -11.98
N ARG A 84 6.72 -20.68 -10.72
CA ARG A 84 5.85 -21.62 -10.03
C ARG A 84 4.45 -21.04 -9.83
N ILE A 85 4.38 -19.76 -9.46
CA ILE A 85 3.07 -19.11 -9.31
C ILE A 85 2.32 -19.11 -10.64
N ALA A 86 3.02 -18.81 -11.74
CA ALA A 86 2.36 -18.85 -13.04
C ALA A 86 1.82 -20.23 -13.34
N LYS A 87 2.59 -21.28 -13.02
CA LYS A 87 2.13 -22.64 -13.28
C LYS A 87 0.92 -23.00 -12.43
N LEU A 88 0.85 -22.46 -11.21
CA LEU A 88 -0.30 -22.67 -10.33
C LEU A 88 -1.51 -21.85 -10.75
N GLY A 89 -1.40 -21.04 -11.81
CA GLY A 89 -2.52 -20.28 -12.31
C GLY A 89 -2.42 -18.78 -12.10
N GLY A 90 -1.34 -18.28 -11.53
CA GLY A 90 -1.18 -16.87 -11.27
C GLY A 90 -1.44 -16.50 -9.81
N LEU A 91 -1.13 -15.25 -9.50
CA LEU A 91 -1.23 -14.77 -8.13
C LEU A 91 -2.67 -14.82 -7.60
N HIS A 92 -3.66 -14.64 -8.48
CA HIS A 92 -5.06 -14.71 -8.03
C HIS A 92 -5.41 -16.10 -7.50
N SER A 93 -4.95 -17.15 -8.17
CA SER A 93 -5.13 -18.50 -7.62
C SER A 93 -4.29 -18.69 -6.36
N PHE A 94 -3.02 -18.29 -6.43
CA PHE A 94 -2.08 -18.51 -5.33
C PHE A 94 -2.57 -17.85 -4.04
N MET A 95 -3.14 -16.65 -4.15
CA MET A 95 -3.61 -15.92 -3.00
C MET A 95 -5.09 -16.13 -2.72
N GLY A 96 -5.78 -16.92 -3.55
CA GLY A 96 -7.20 -17.12 -3.33
C GLY A 96 -8.03 -15.86 -3.46
N TRP A 97 -7.57 -14.90 -4.27
CA TRP A 97 -8.15 -13.56 -4.36
C TRP A 97 -8.48 -13.27 -5.82
N ASP A 98 -9.76 -13.18 -6.17
CA ASP A 98 -10.15 -13.02 -7.57
C ASP A 98 -10.40 -11.57 -7.98
N ARG A 99 -10.21 -10.61 -7.07
CA ARG A 99 -10.36 -9.19 -7.39
C ARG A 99 -9.00 -8.59 -7.79
N PRO A 100 -8.88 -7.29 -8.06
CA PRO A 100 -7.58 -6.74 -8.50
C PRO A 100 -6.47 -6.95 -7.48
N ILE A 101 -5.25 -7.09 -8.02
CA ILE A 101 -4.02 -7.22 -7.27
C ILE A 101 -3.02 -6.24 -7.86
N LEU A 102 -2.37 -5.45 -6.99
CA LEU A 102 -1.25 -4.61 -7.39
C LEU A 102 0.03 -5.29 -6.94
N THR A 103 1.04 -5.31 -7.82
CA THR A 103 2.36 -5.77 -7.41
C THR A 103 3.35 -4.62 -7.44
N ASP A 104 4.16 -4.51 -6.40
CA ASP A 104 5.31 -3.60 -6.45
C ASP A 104 6.37 -4.19 -7.38
N SER A 105 7.46 -3.45 -7.60
CA SER A 105 8.40 -3.85 -8.64
C SER A 105 9.46 -4.82 -8.16
N GLY A 106 9.64 -4.94 -6.85
CA GLY A 106 10.74 -5.70 -6.27
C GLY A 106 11.93 -4.86 -5.84
N GLY A 107 12.07 -3.65 -6.39
CA GLY A 107 13.29 -2.89 -6.23
C GLY A 107 13.54 -2.37 -4.82
N TYR A 108 12.48 -2.05 -4.08
CA TYR A 108 12.72 -1.50 -2.75
C TYR A 108 13.30 -2.54 -1.80
N GLN A 109 12.81 -3.77 -1.88
CA GLN A 109 13.32 -4.81 -1.01
C GLN A 109 14.72 -5.26 -1.42
N VAL A 110 15.06 -5.10 -2.70
CA VAL A 110 16.43 -5.35 -3.13
C VAL A 110 17.38 -4.45 -2.34
N MET A 111 17.08 -3.15 -2.29
CA MET A 111 17.96 -2.24 -1.56
C MET A 111 18.01 -2.60 -0.07
N SER A 112 16.87 -2.94 0.52
CA SER A 112 16.79 -3.03 1.97
C SER A 112 16.87 -4.45 2.52
N LEU A 113 16.82 -5.49 1.69
CA LEU A 113 16.84 -6.85 2.23
C LEU A 113 17.89 -7.77 1.61
N SER A 114 18.25 -7.56 0.36
CA SER A 114 19.16 -8.47 -0.33
C SER A 114 20.62 -8.05 -0.21
N LEU A 116 22.99 -8.26 -2.60
CA LEU A 116 23.15 -7.41 -3.77
C LEU A 116 24.52 -7.63 -4.41
N THR A 117 24.55 -8.44 -5.47
CA THR A 117 25.81 -8.76 -6.14
C THR A 117 26.29 -7.60 -7.00
N LYS A 118 25.48 -7.17 -7.96
CA LYS A 118 25.88 -6.15 -8.93
C LYS A 118 24.77 -5.13 -9.10
N GLN A 119 25.16 -3.89 -9.40
CA GLN A 119 24.23 -2.80 -9.66
C GLN A 119 24.80 -1.91 -10.76
N SER A 120 23.97 -1.58 -11.76
CA SER A 120 24.38 -0.68 -12.82
C SER A 120 23.12 -0.12 -13.49
N GLU A 121 23.33 0.71 -14.51
CA GLU A 121 22.21 1.18 -15.33
C GLU A 121 21.44 0.02 -15.97
N GLU A 122 22.10 -1.13 -16.16
CA GLU A 122 21.44 -2.29 -16.75
C GLU A 122 20.33 -2.83 -15.85
N GLY A 123 20.62 -2.94 -14.57
CA GLY A 123 19.74 -3.59 -13.61
C GLY A 123 20.57 -4.02 -12.41
N VAL A 124 20.01 -4.95 -11.65
CA VAL A 124 20.67 -5.42 -10.43
C VAL A 124 20.68 -6.94 -10.40
N THR A 125 21.75 -7.49 -9.86
CA THR A 125 21.83 -8.90 -9.50
C THR A 125 21.95 -8.97 -7.99
N PHE A 126 21.23 -9.90 -7.37
CA PHE A 126 21.21 -9.99 -5.92
C PHE A 126 21.09 -11.44 -5.49
N LYS A 127 21.43 -11.70 -4.24
CA LYS A 127 21.36 -13.03 -3.65
C LYS A 127 20.17 -13.10 -2.70
N SER A 128 19.47 -14.23 -2.74
CA SER A 128 18.33 -14.45 -1.85
C SER A 128 18.80 -14.54 -0.41
N HIS A 129 18.17 -13.76 0.49
CA HIS A 129 18.52 -13.88 1.90
C HIS A 129 18.05 -15.21 2.49
N LEU A 130 17.30 -16.00 1.75
CA LEU A 130 16.84 -17.32 2.18
C LEU A 130 17.89 -18.38 1.92
N ASP A 131 18.26 -18.57 0.65
CA ASP A 131 19.08 -19.70 0.23
C ASP A 131 20.31 -19.29 -0.59
N GLY A 132 20.61 -18.00 -0.68
CA GLY A 132 21.79 -17.56 -1.40
C GLY A 132 21.71 -17.61 -2.92
N SER A 133 20.60 -18.09 -3.50
CA SER A 133 20.47 -18.16 -4.95
C SER A 133 20.56 -16.76 -5.57
N ARG A 134 20.91 -16.73 -6.85
CA ARG A 134 21.09 -15.49 -7.59
C ARG A 134 19.82 -15.13 -8.36
N HIS A 135 19.44 -13.86 -8.30
CA HIS A 135 18.29 -13.34 -9.00
C HIS A 135 18.67 -12.02 -9.67
N MET A 136 17.90 -11.66 -10.69
CA MET A 136 18.15 -10.43 -11.43
C MET A 136 16.87 -9.64 -11.60
N LEU A 137 16.97 -8.32 -11.42
CA LEU A 137 15.86 -7.43 -11.72
C LEU A 137 16.35 -6.27 -12.56
N SER A 138 15.42 -5.70 -13.30
CA SER A 138 15.64 -4.63 -14.25
C SER A 138 14.24 -4.16 -14.62
N PRO A 139 14.09 -3.01 -15.29
CA PRO A 139 12.76 -2.65 -15.80
C PRO A 139 12.13 -3.79 -16.60
N GLU A 140 12.88 -4.39 -17.53
CA GLU A 140 12.32 -5.43 -18.39
C GLU A 140 12.03 -6.71 -17.60
N ARG A 141 12.94 -7.10 -16.70
CA ARG A 141 12.71 -8.32 -15.92
C ARG A 141 11.58 -8.13 -14.91
N SER A 142 11.53 -6.97 -14.26
CA SER A 142 10.46 -6.71 -13.30
C SER A 142 9.09 -6.79 -13.97
N ILE A 143 8.93 -6.13 -15.13
CA ILE A 143 7.63 -6.15 -15.80
C ILE A 143 7.28 -7.57 -16.23
N GLU A 144 8.28 -8.33 -16.70
CA GLU A 144 8.00 -9.71 -17.12
C GLU A 144 7.61 -10.58 -15.93
N ILE A 145 8.28 -10.40 -14.78
CA ILE A 145 7.90 -11.18 -13.62
C ILE A 145 6.50 -10.79 -13.14
N GLN A 146 6.18 -9.50 -13.17
CA GLN A 146 4.82 -9.10 -12.79
C GLN A 146 3.80 -9.63 -13.78
N HIS A 147 4.18 -9.81 -15.05
CA HIS A 147 3.30 -10.50 -15.99
C HIS A 147 3.11 -11.97 -15.59
N LEU A 148 4.20 -12.65 -15.20
CA LEU A 148 4.07 -14.04 -14.76
C LEU A 148 3.17 -14.15 -13.54
N LEU A 149 3.26 -13.17 -12.64
CA LEU A 149 2.39 -13.16 -11.47
C LEU A 149 0.94 -12.86 -11.84
N GLY A 150 0.70 -12.27 -12.99
CA GLY A 150 -0.65 -12.02 -13.44
C GLY A 150 -1.33 -10.84 -12.81
N SER A 151 -0.57 -9.88 -12.28
CA SER A 151 -1.21 -8.82 -11.52
C SER A 151 -1.91 -7.82 -12.43
N ASP A 152 -2.83 -7.09 -11.82
CA ASP A 152 -3.67 -6.14 -12.53
C ASP A 152 -3.06 -4.75 -12.59
N ILE A 153 -2.38 -4.32 -11.53
CA ILE A 153 -1.68 -3.04 -11.55
C ILE A 153 -0.20 -3.36 -11.35
N VAL A 154 0.61 -2.89 -12.29
CA VAL A 154 2.03 -3.20 -12.41
C VAL A 154 2.79 -1.93 -12.07
N MET A 155 3.83 -2.04 -11.24
CA MET A 155 4.65 -0.89 -10.86
C MET A 155 5.93 -0.87 -11.68
N ALA A 156 6.27 0.30 -12.21
CA ALA A 156 7.56 0.45 -12.88
C ALA A 156 8.70 0.18 -11.89
N PHE A 157 9.81 -0.32 -12.43
CA PHE A 157 11.00 -0.60 -11.63
C PHE A 157 11.86 0.65 -11.53
N ASP A 158 12.23 1.04 -10.31
CA ASP A 158 12.98 2.26 -10.06
C ASP A 158 14.17 1.97 -9.17
N GLU A 159 14.96 3.01 -8.88
CA GLU A 159 16.09 2.89 -7.97
C GLU A 159 15.83 3.74 -6.74
N SER A 160 15.81 3.10 -5.57
CA SER A 160 15.61 3.79 -4.31
C SER A 160 16.91 4.42 -3.82
N THR A 161 16.78 5.63 -3.26
CA THR A 161 17.92 6.31 -2.65
C THR A 161 17.76 6.24 -1.14
N PRO A 162 18.72 5.67 -0.40
CA PRO A 162 18.57 5.51 1.05
C PRO A 162 18.37 6.85 1.76
N TYR A 163 17.68 6.80 2.90
CA TYR A 163 17.37 8.00 3.67
C TYR A 163 18.29 8.13 4.88
N PRO A 164 18.80 9.35 5.16
CA PRO A 164 18.65 10.54 4.32
C PRO A 164 19.55 10.50 3.09
N ALA A 165 19.19 11.26 2.06
CA ALA A 165 19.92 11.24 0.79
C ALA A 165 20.54 12.61 0.53
N THR A 166 21.75 12.60 0.00
CA THR A 166 22.38 13.83 -0.44
C THR A 166 21.67 14.35 -1.69
N PRO A 167 21.71 15.66 -1.93
CA PRO A 167 21.16 16.18 -3.19
C PRO A 167 21.73 15.52 -4.43
N SER A 168 23.01 15.13 -4.40
CA SER A 168 23.61 14.46 -5.56
C SER A 168 23.07 13.05 -5.72
N ARG A 169 23.05 12.26 -4.63
CA ARG A 169 22.52 10.90 -4.74
C ARG A 169 21.03 10.90 -5.04
N ALA A 170 20.30 11.93 -4.58
CA ALA A 170 18.88 12.02 -4.88
C ALA A 170 18.65 12.29 -6.36
N ALA A 171 19.45 13.19 -6.94
CA ALA A 171 19.29 13.55 -8.35
C ALA A 171 19.68 12.40 -9.28
N SER A 172 20.70 11.62 -8.91
CA SER A 172 21.16 10.56 -9.79
C SER A 172 20.22 9.36 -9.74
N SER A 173 19.74 9.00 -8.55
CA SER A 173 18.75 7.94 -8.44
C SER A 173 17.46 8.33 -9.15
N MET A 174 17.06 9.60 -9.04
CA MET A 174 15.85 10.05 -9.71
C MET A 174 16.00 9.99 -11.22
N GLU A 175 17.13 10.46 -11.74
CA GLU A 175 17.29 10.45 -13.18
C GLU A 175 17.39 9.02 -13.72
N ARG A 176 18.09 8.13 -13.00
CA ARG A 176 18.08 6.73 -13.39
C ARG A 176 16.67 6.15 -13.32
N SER A 177 15.90 6.50 -12.28
CA SER A 177 14.54 5.98 -12.19
C SER A 177 13.71 6.42 -13.37
N MET A 178 13.96 7.62 -13.92
CA MET A 178 13.13 8.07 -15.04
C MET A 178 13.50 7.35 -16.33
N ARG A 179 14.79 7.08 -16.56
CA ARG A 179 15.17 6.26 -17.70
C ARG A 179 14.61 4.85 -17.56
N TRP A 180 14.61 4.32 -16.33
CA TRP A 180 14.03 3.02 -16.06
C TRP A 180 12.51 3.05 -16.17
N ALA A 181 11.90 4.21 -15.94
CA ALA A 181 10.45 4.32 -16.10
C ALA A 181 10.06 4.21 -17.57
N LYS A 182 10.84 4.83 -18.46
CA LYS A 182 10.60 4.65 -19.89
C LYS A 182 10.81 3.19 -20.29
N ARG A 183 11.85 2.54 -19.75
CA ARG A 183 12.08 1.14 -20.08
C ARG A 183 10.95 0.24 -19.57
N SER A 184 10.39 0.58 -18.39
CA SER A 184 9.25 -0.16 -17.87
C SER A 184 8.02 0.01 -18.76
N ARG A 185 7.75 1.25 -19.18
CA ARG A 185 6.67 1.53 -20.12
C ARG A 185 6.78 0.68 -21.39
N ASP A 186 7.98 0.67 -22.01
CA ASP A 186 8.14 -0.06 -23.27
C ASP A 186 8.04 -1.57 -23.06
N ALA A 187 8.57 -2.08 -21.95
CA ALA A 187 8.45 -3.51 -21.67
C ALA A 187 6.99 -3.92 -21.51
N PHE A 188 6.24 -3.15 -20.72
CA PHE A 188 4.82 -3.40 -20.51
C PHE A 188 4.06 -3.36 -21.84
N ASP A 189 4.38 -2.39 -22.69
CA ASP A 189 3.67 -2.28 -23.97
C ASP A 189 4.03 -3.38 -24.94
N SER A 190 5.15 -4.08 -24.73
CA SER A 190 5.60 -5.09 -25.69
C SER A 190 4.84 -6.41 -25.61
N ARG A 191 4.07 -6.62 -24.54
N ARG A 191 4.13 -6.69 -24.50
CA ARG A 191 3.32 -7.85 -24.30
CA ARG A 191 3.35 -7.91 -24.39
C ARG A 191 1.83 -7.53 -24.39
C ARG A 191 1.87 -7.55 -24.41
N LYS A 192 1.20 -7.92 -25.50
CA LYS A 192 -0.19 -7.53 -25.73
C LYS A 192 -1.10 -8.03 -24.61
N GLU A 193 -0.87 -9.25 -24.12
CA GLU A 193 -1.73 -9.79 -23.09
C GLU A 193 -1.68 -8.93 -21.83
N GLN A 194 -0.50 -8.40 -21.51
CA GLN A 194 -0.35 -7.52 -20.35
C GLN A 194 -0.91 -6.14 -20.63
N ALA A 195 -0.52 -5.53 -21.77
CA ALA A 195 -0.90 -4.15 -22.06
C ALA A 195 -2.41 -3.99 -22.21
N GLU A 196 -3.11 -5.02 -22.68
CA GLU A 196 -4.55 -4.90 -22.88
C GLU A 196 -5.36 -5.19 -21.62
N ASN A 197 -4.76 -5.81 -20.61
CA ASN A 197 -5.52 -6.31 -19.47
C ASN A 197 -5.08 -5.76 -18.13
N ALA A 198 -3.87 -5.26 -18.02
CA ALA A 198 -3.33 -4.69 -16.79
C ALA A 198 -3.12 -3.19 -16.98
N ALA A 199 -2.66 -2.54 -15.90
CA ALA A 199 -2.36 -1.12 -15.89
C ALA A 199 -0.95 -0.95 -15.34
N LEU A 200 -0.34 0.19 -15.65
CA LEU A 200 1.05 0.45 -15.28
C LEU A 200 1.15 1.80 -14.58
N PHE A 201 1.76 1.81 -13.39
CA PHE A 201 2.01 3.05 -12.66
C PHE A 201 3.48 3.41 -12.71
N GLY A 202 3.75 4.72 -12.82
CA GLY A 202 5.10 5.24 -12.71
C GLY A 202 5.32 5.82 -11.31
N ILE A 203 6.59 5.99 -10.93
CA ILE A 203 6.93 6.38 -9.57
C ILE A 203 7.77 7.65 -9.59
N GLN A 204 7.27 8.71 -8.96
CA GLN A 204 8.01 9.95 -8.82
C GLN A 204 9.08 9.82 -7.74
N GLN A 205 10.27 10.29 -8.02
CA GLN A 205 11.34 10.32 -7.03
C GLN A 205 11.83 11.76 -6.88
N GLY A 206 12.91 11.95 -6.11
CA GLY A 206 13.45 13.28 -5.93
C GLY A 206 13.66 13.67 -4.47
N SER A 207 13.42 12.74 -3.56
CA SER A 207 13.69 12.93 -2.12
C SER A 207 12.92 14.17 -1.64
N VAL A 208 13.54 15.05 -0.85
CA VAL A 208 12.86 16.21 -0.29
C VAL A 208 13.00 17.44 -1.19
N PHE A 209 13.51 17.28 -2.39
CA PHE A 209 13.96 18.39 -3.22
C PHE A 209 12.90 18.73 -4.26
N GLU A 210 12.44 19.97 -4.24
CA GLU A 210 11.28 20.37 -5.03
C GLU A 210 11.59 20.36 -6.53
N ASN A 211 12.78 20.82 -6.93
CA ASN A 211 13.11 20.82 -8.35
C ASN A 211 13.28 19.40 -8.89
N LEU A 212 13.84 18.51 -8.07
CA LEU A 212 13.97 17.12 -8.49
C LEU A 212 12.60 16.44 -8.61
N ARG A 213 11.69 16.74 -7.69
CA ARG A 213 10.33 16.21 -7.81
C ARG A 213 9.64 16.71 -9.06
N GLN A 214 9.87 17.98 -9.42
CA GLN A 214 9.24 18.51 -10.63
C GLN A 214 9.83 17.88 -11.88
N GLN A 215 11.16 17.76 -11.94
CA GLN A 215 11.84 17.03 -13.00
C GLN A 215 11.22 15.65 -13.19
N SER A 216 11.08 14.93 -12.08
CA SER A 216 10.57 13.56 -12.11
C SER A 216 9.14 13.54 -12.65
N ALA A 217 8.27 14.41 -12.11
CA ALA A 217 6.88 14.44 -12.56
C ALA A 217 6.78 14.74 -14.05
N ASP A 218 7.55 15.74 -14.53
CA ASP A 218 7.51 16.08 -15.94
C ASP A 218 7.93 14.89 -16.81
N ALA A 219 8.97 14.16 -16.40
CA ALA A 219 9.41 12.99 -17.15
C ALA A 219 8.35 11.91 -17.17
N LEU A 220 7.72 11.65 -16.02
CA LEU A 220 6.69 10.62 -15.96
C LEU A 220 5.49 10.98 -16.82
N ALA A 221 5.08 12.26 -16.78
CA ALA A 221 3.90 12.65 -17.57
C ALA A 221 4.21 12.61 -19.06
N GLU A 222 5.47 12.84 -19.44
CA GLU A 222 5.86 12.73 -20.84
C GLU A 222 5.81 11.28 -21.30
N ILE A 223 6.25 10.35 -20.47
CA ILE A 223 6.14 8.93 -20.81
C ILE A 223 4.66 8.52 -20.85
N GLY A 224 3.91 8.92 -19.83
CA GLY A 224 2.49 8.58 -19.74
C GLY A 224 2.25 7.27 -19.01
N PHE A 225 1.48 7.32 -17.93
CA PHE A 225 1.15 6.14 -17.12
C PHE A 225 -0.32 6.18 -16.74
N ASP A 226 -0.84 5.01 -16.33
CA ASP A 226 -2.21 4.92 -15.84
C ASP A 226 -2.38 5.53 -14.45
N GLY A 227 -1.30 5.61 -13.68
CA GLY A 227 -1.35 6.19 -12.35
C GLY A 227 0.06 6.57 -11.96
N TYR A 228 0.16 7.38 -10.91
CA TYR A 228 1.45 7.95 -10.52
C TYR A 228 1.63 7.78 -9.03
N ALA A 229 2.71 7.14 -8.65
CA ALA A 229 3.04 6.92 -7.25
C ALA A 229 4.04 7.96 -6.79
N VAL A 230 3.97 8.30 -5.52
CA VAL A 230 4.96 9.14 -4.87
C VAL A 230 5.89 8.21 -4.11
N GLY A 231 7.10 8.01 -4.63
CA GLY A 231 8.07 7.19 -3.93
C GLY A 231 9.01 8.01 -3.09
N GLY A 232 9.82 7.31 -2.29
CA GLY A 232 10.88 7.95 -1.53
C GLY A 232 10.45 8.54 -0.20
N LEU A 233 9.24 8.28 0.26
CA LEU A 233 8.76 8.75 1.54
C LEU A 233 8.48 7.55 2.44
N ALA A 234 8.13 7.85 3.70
CA ALA A 234 7.92 6.82 4.73
C ALA A 234 9.18 6.00 4.95
N VAL A 235 10.34 6.65 4.95
CA VAL A 235 11.61 5.94 5.14
C VAL A 235 12.39 6.60 6.27
N GLY A 236 11.68 7.14 7.26
CA GLY A 236 12.31 7.70 8.43
C GLY A 236 12.26 9.20 8.55
N GLU A 237 11.75 9.91 7.55
N GLU A 237 11.61 9.90 7.62
CA GLU A 237 11.41 11.30 7.75
CA GLU A 237 11.70 11.36 7.55
C GLU A 237 10.21 11.38 8.68
C GLU A 237 10.80 12.10 8.54
N GLY A 238 10.15 12.45 9.45
N GLY A 238 9.86 11.42 9.20
CA GLY A 238 8.98 12.69 10.25
CA GLY A 238 8.92 12.12 10.06
C GLY A 238 7.76 12.95 9.38
C GLY A 238 7.73 12.66 9.29
N GLN A 239 6.59 12.77 9.99
CA GLN A 239 5.34 13.10 9.31
C GLN A 239 5.35 14.53 8.80
N ASP A 240 5.90 15.46 9.58
CA ASP A 240 5.92 16.86 9.15
C ASP A 240 6.65 17.03 7.83
N GLU A 241 7.83 16.41 7.70
CA GLU A 241 8.58 16.55 6.46
C GLU A 241 7.89 15.81 5.33
N MET A 242 7.33 14.63 5.60
CA MET A 242 6.57 13.93 4.57
C MET A 242 5.44 14.80 4.05
N PHE A 243 4.71 15.48 4.95
CA PHE A 243 3.60 16.32 4.52
C PHE A 243 4.09 17.51 3.69
N ARG A 244 5.23 18.12 4.08
CA ARG A 244 5.74 19.25 3.33
C ARG A 244 6.12 18.84 1.91
N VAL A 245 6.71 17.66 1.76
CA VAL A 245 7.05 17.14 0.44
C VAL A 245 5.77 16.88 -0.37
N LEU A 246 4.77 16.24 0.25
CA LEU A 246 3.51 16.04 -0.45
C LEU A 246 2.89 17.36 -0.90
N ASP A 247 3.03 18.41 -0.09
CA ASP A 247 2.43 19.71 -0.39
C ASP A 247 2.75 20.18 -1.79
N PHE A 248 4.02 20.10 -2.20
CA PHE A 248 4.37 20.52 -3.55
C PHE A 248 4.46 19.37 -4.56
N SER A 249 4.64 18.12 -4.10
CA SER A 249 4.89 17.02 -5.04
C SER A 249 3.61 16.53 -5.71
N VAL A 250 2.53 16.35 -4.95
CA VAL A 250 1.30 15.81 -5.55
C VAL A 250 0.73 16.73 -6.63
N PRO A 251 0.68 18.05 -6.47
CA PRO A 251 0.17 18.90 -7.56
C PRO A 251 0.98 18.81 -8.84
N MET A 252 2.22 18.32 -8.78
CA MET A 252 3.00 18.14 -10.01
C MET A 252 2.52 16.98 -10.86
N LEU A 253 1.82 16.00 -10.26
CA LEU A 253 1.38 14.85 -11.02
C LEU A 253 0.10 15.16 -11.78
N PRO A 254 -0.17 14.45 -12.88
CA PRO A 254 -1.44 14.64 -13.61
C PRO A 254 -2.64 14.50 -12.69
N ASP A 255 -3.55 15.47 -12.81
CA ASP A 255 -4.71 15.52 -11.92
C ASP A 255 -5.70 14.41 -12.20
N ASP A 256 -5.81 13.97 -13.46
CA ASP A 256 -6.87 13.05 -13.85
C ASP A 256 -6.46 11.58 -13.74
N LYS A 257 -5.38 11.26 -13.04
CA LYS A 257 -4.93 9.90 -12.81
C LYS A 257 -4.76 9.66 -11.32
N PRO A 258 -4.81 8.41 -10.86
CA PRO A 258 -4.64 8.15 -9.42
C PRO A 258 -3.24 8.49 -8.93
N HIS A 259 -3.18 8.94 -7.67
CA HIS A 259 -1.94 9.27 -6.97
C HIS A 259 -1.76 8.26 -5.83
N TYR A 260 -0.63 7.55 -5.83
CA TYR A 260 -0.43 6.42 -4.92
C TYR A 260 0.77 6.70 -4.01
N LEU A 261 0.52 6.76 -2.69
CA LEU A 261 1.62 6.96 -1.73
C LEU A 261 2.03 5.59 -1.19
N MET A 262 3.20 5.11 -1.61
CA MET A 262 3.62 3.75 -1.34
C MET A 262 4.07 3.61 0.12
N GLY A 263 3.60 2.55 0.78
CA GLY A 263 4.08 2.20 2.10
C GLY A 263 3.54 3.03 3.24
N VAL A 264 2.52 3.86 3.02
CA VAL A 264 1.93 4.69 4.06
C VAL A 264 0.52 4.17 4.31
N GLY A 265 0.15 3.95 5.57
CA GLY A 265 0.93 4.25 6.76
C GLY A 265 0.00 4.25 7.96
N LYS A 266 0.33 5.03 8.99
CA LYS A 266 -0.54 5.16 10.15
C LYS A 266 -1.83 5.87 9.78
N PRO A 267 -2.91 5.67 10.54
CA PRO A 267 -4.19 6.33 10.19
C PRO A 267 -4.07 7.84 10.02
N ASP A 268 -3.30 8.52 10.89
CA ASP A 268 -3.17 9.97 10.74
C ASP A 268 -2.31 10.32 9.54
N ASP A 269 -1.34 9.48 9.17
CA ASP A 269 -0.61 9.69 7.91
C ASP A 269 -1.57 9.66 6.73
N ILE A 270 -2.47 8.69 6.73
CA ILE A 270 -3.41 8.51 5.62
C ILE A 270 -4.32 9.74 5.49
N VAL A 271 -4.90 10.18 6.61
CA VAL A 271 -5.80 11.34 6.57
C VAL A 271 -5.07 12.55 6.01
N GLY A 272 -3.89 12.84 6.53
CA GLY A 272 -3.14 14.00 6.05
C GLY A 272 -2.72 13.87 4.60
N ALA A 273 -2.43 12.65 4.14
CA ALA A 273 -2.06 12.48 2.75
C ALA A 273 -3.26 12.64 1.82
N VAL A 274 -4.45 12.21 2.25
CA VAL A 274 -5.63 12.44 1.42
C VAL A 274 -5.92 13.94 1.32
N GLU A 275 -5.73 14.68 2.42
CA GLU A 275 -5.81 16.14 2.38
C GLU A 275 -4.88 16.74 1.34
N ARG A 276 -3.84 16.01 0.93
CA ARG A 276 -2.84 16.52 0.01
C ARG A 276 -2.92 15.87 -1.36
N GLY A 277 -4.01 15.14 -1.64
CA GLY A 277 -4.29 14.63 -2.96
C GLY A 277 -3.97 13.17 -3.24
N ILE A 278 -3.68 12.36 -2.22
CA ILE A 278 -3.37 10.96 -2.43
C ILE A 278 -4.66 10.13 -2.50
N ASP A 279 -4.69 9.16 -3.43
CA ASP A 279 -5.84 8.32 -3.69
C ASP A 279 -5.67 6.86 -3.27
N MET A 280 -4.43 6.41 -3.04
CA MET A 280 -4.13 5.00 -2.79
C MET A 280 -3.01 4.86 -1.77
N PHE A 281 -3.10 3.80 -0.96
CA PHE A 281 -2.20 3.54 0.16
C PHE A 281 -2.00 2.04 0.29
N ASP A 282 -0.83 1.65 0.84
CA ASP A 282 -0.58 0.28 1.28
C ASP A 282 0.31 0.34 2.51
N SER A 283 0.14 -0.64 3.41
CA SER A 283 0.99 -0.71 4.60
C SER A 283 0.85 -2.08 5.26
N VAL A 284 1.96 -2.60 5.77
CA VAL A 284 1.88 -3.81 6.59
C VAL A 284 1.45 -3.51 8.02
N LEU A 285 1.34 -2.23 8.39
N LEU A 285 1.32 -2.23 8.38
CA LEU A 285 1.05 -1.86 9.77
CA LEU A 285 1.06 -1.86 9.76
C LEU A 285 -0.14 -2.58 10.38
C LEU A 285 -0.15 -2.55 10.39
N PRO A 286 -1.32 -2.62 9.74
CA PRO A 286 -2.45 -3.29 10.43
C PRO A 286 -2.16 -4.76 10.73
N THR A 287 -1.45 -5.44 9.84
N THR A 287 -1.46 -5.45 9.84
CA THR A 287 -1.18 -6.86 10.09
CA THR A 287 -1.16 -6.86 10.06
C THR A 287 -0.04 -7.05 11.07
C THR A 287 -0.05 -7.03 11.09
N ARG A 288 1.02 -6.25 10.96
CA ARG A 288 2.10 -6.31 11.94
C ARG A 288 1.61 -5.95 13.34
N SER A 289 0.78 -4.91 13.46
CA SER A 289 0.26 -4.54 14.76
C SER A 289 -0.60 -5.65 15.35
N GLY A 290 -1.46 -6.24 14.53
CA GLY A 290 -2.34 -7.29 15.02
C GLY A 290 -1.57 -8.49 15.55
N ARG A 291 -0.47 -8.85 14.89
CA ARG A 291 0.37 -9.93 15.40
C ARG A 291 1.08 -9.54 16.68
N ASN A 292 1.32 -8.26 16.93
CA ASN A 292 2.02 -7.81 18.12
C ASN A 292 1.09 -7.31 19.22
N GLY A 293 -0.21 -7.59 19.12
CA GLY A 293 -1.12 -7.20 20.18
C GLY A 293 -1.47 -5.72 20.23
N GLN A 294 -1.34 -5.00 19.13
CA GLN A 294 -1.74 -3.59 19.05
C GLN A 294 -2.95 -3.45 18.13
N ALA A 295 -4.00 -2.80 18.62
CA ALA A 295 -5.22 -2.53 17.87
C ALA A 295 -5.36 -1.04 17.59
N PHE A 296 -5.76 -0.70 16.36
CA PHE A 296 -6.09 0.68 16.06
C PHE A 296 -7.53 0.99 16.46
N THR A 297 -7.73 2.18 17.05
CA THR A 297 -9.06 2.63 17.45
C THR A 297 -9.19 4.11 17.12
N TRP A 298 -10.42 4.60 17.14
CA TRP A 298 -10.65 6.03 16.88
C TRP A 298 -10.02 6.91 17.95
N ASP A 299 -9.70 6.32 19.11
CA ASP A 299 -9.01 7.02 20.19
C ASP A 299 -7.51 6.72 20.20
N GLY A 300 -6.96 6.28 19.09
CA GLY A 300 -5.57 5.95 19.03
C GLY A 300 -5.31 4.47 19.23
N PRO A 301 -4.09 4.03 18.99
CA PRO A 301 -3.76 2.61 19.17
C PRO A 301 -3.76 2.24 20.65
N ILE A 302 -4.09 0.97 20.92
CA ILE A 302 -4.04 0.42 22.27
C ILE A 302 -3.20 -0.86 22.25
N ASN A 303 -2.55 -1.14 23.38
CA ASN A 303 -1.82 -2.38 23.59
C ASN A 303 -2.72 -3.32 24.39
N ILE A 304 -3.26 -4.35 23.74
CA ILE A 304 -4.31 -5.15 24.38
C ILE A 304 -3.77 -5.95 25.56
N ARG A 305 -2.45 -6.14 25.64
CA ARG A 305 -1.88 -6.86 26.78
C ARG A 305 -1.95 -6.04 28.06
N ASN A 306 -2.18 -4.74 27.97
N ASN A 306 -2.20 -4.73 27.97
CA ASN A 306 -2.17 -3.91 29.17
CA ASN A 306 -2.28 -3.87 29.14
C ASN A 306 -3.24 -4.39 30.15
C ASN A 306 -3.27 -4.42 30.16
N ALA A 307 -2.88 -4.40 31.43
CA ALA A 307 -3.76 -4.96 32.46
C ALA A 307 -5.13 -4.28 32.50
N ARG A 308 -5.22 -3.02 32.08
CA ARG A 308 -6.51 -2.34 32.13
C ARG A 308 -7.56 -2.98 31.22
N PHE A 309 -7.18 -3.87 30.32
CA PHE A 309 -8.15 -4.50 29.43
C PHE A 309 -8.63 -5.86 29.92
N SER A 310 -8.05 -6.37 31.01
CA SER A 310 -8.34 -7.75 31.40
C SER A 310 -9.80 -7.95 31.80
N GLU A 311 -10.46 -6.91 32.31
CA GLU A 311 -11.88 -7.01 32.61
C GLU A 311 -12.71 -5.99 31.83
N ASP A 312 -12.18 -5.48 30.71
CA ASP A 312 -12.86 -4.49 29.89
C ASP A 312 -13.79 -5.21 28.92
N LEU A 313 -15.10 -5.11 29.17
CA LEU A 313 -16.08 -5.82 28.36
C LEU A 313 -16.41 -5.12 27.05
N LYS A 314 -15.89 -3.91 26.83
CA LYS A 314 -16.14 -3.22 25.57
C LYS A 314 -15.33 -3.86 24.45
N PRO A 315 -15.78 -3.75 23.20
CA PRO A 315 -14.98 -4.23 22.06
C PRO A 315 -13.73 -3.39 21.89
N LEU A 316 -12.83 -3.86 21.01
CA LEU A 316 -11.59 -3.14 20.76
C LEU A 316 -11.87 -1.66 20.49
N ASP A 317 -12.84 -1.38 19.63
CA ASP A 317 -13.30 -0.02 19.40
C ASP A 317 -14.81 0.00 19.46
N SER A 318 -15.38 0.95 20.20
CA SER A 318 -16.82 0.91 20.42
C SER A 318 -17.62 1.49 19.27
N GLU A 319 -16.97 2.02 18.22
CA GLU A 319 -17.72 2.39 17.02
C GLU A 319 -17.44 1.49 15.83
N CYS A 320 -16.41 0.66 15.89
CA CYS A 320 -16.01 -0.19 14.77
C CYS A 320 -17.11 -1.20 14.44
N HIS A 321 -17.48 -1.29 13.15
N HIS A 321 -17.53 -1.30 13.18
CA HIS A 321 -18.48 -2.19 12.58
CA HIS A 321 -18.52 -2.31 12.83
C HIS A 321 -17.96 -3.61 12.33
C HIS A 321 -17.91 -3.54 12.17
N CYS A 322 -16.67 -3.89 12.52
CA CYS A 322 -16.11 -5.16 12.06
C CYS A 322 -16.71 -6.36 12.81
N ALA A 323 -16.58 -7.52 12.19
CA ALA A 323 -17.14 -8.75 12.78
C ALA A 323 -16.54 -9.03 14.15
N VAL A 324 -15.26 -8.71 14.35
CA VAL A 324 -14.63 -8.94 15.64
C VAL A 324 -15.31 -8.06 16.71
N CYS A 325 -15.53 -6.78 16.40
CA CYS A 325 -16.08 -5.89 17.41
C CYS A 325 -17.56 -6.14 17.67
N GLN A 326 -18.29 -6.78 16.74
CA GLN A 326 -19.66 -7.19 17.07
C GLN A 326 -19.71 -8.28 18.12
N LYS A 327 -18.62 -9.01 18.34
CA LYS A 327 -18.70 -10.20 19.16
C LYS A 327 -17.74 -10.23 20.34
N TRP A 328 -16.47 -9.88 20.10
CA TRP A 328 -15.43 -10.11 21.08
C TRP A 328 -15.13 -8.86 21.89
N SER A 329 -14.93 -9.05 23.19
CA SER A 329 -14.57 -7.97 24.09
C SER A 329 -13.06 -7.81 24.16
N ARG A 330 -12.62 -6.63 24.58
CA ARG A 330 -11.21 -6.43 24.89
C ARG A 330 -10.71 -7.49 25.86
N ALA A 331 -11.54 -7.82 26.86
CA ALA A 331 -11.15 -8.78 27.88
C ALA A 331 -10.82 -10.14 27.27
N CYS A 332 -11.63 -10.58 26.33
CA CYS A 332 -11.41 -11.92 25.79
C CYS A 332 -10.27 -11.93 24.77
N ILE A 333 -10.13 -10.87 23.98
CA ILE A 333 -8.98 -10.78 23.09
C ILE A 333 -7.70 -10.68 23.91
N HIS A 334 -7.72 -9.87 24.98
CA HIS A 334 -6.63 -9.84 25.95
C HIS A 334 -6.26 -11.25 26.43
N ALA A 335 -7.26 -12.02 26.86
CA ALA A 335 -6.98 -13.39 27.34
C ALA A 335 -6.31 -14.23 26.27
N LEU A 336 -6.80 -14.15 25.02
CA LEU A 336 -6.24 -14.96 23.94
C LEU A 336 -4.80 -14.57 23.65
N ILE A 337 -4.54 -13.26 23.56
CA ILE A 337 -3.20 -12.78 23.23
C ILE A 337 -2.22 -13.17 24.33
N ARG A 338 -2.63 -12.99 25.60
N ARG A 338 -2.63 -12.99 25.60
CA ARG A 338 -1.74 -13.33 26.71
CA ARG A 338 -1.74 -13.33 26.71
C ARG A 338 -1.45 -14.81 26.79
C ARG A 338 -1.43 -14.82 26.75
N ALA A 339 -2.37 -15.65 26.31
CA ALA A 339 -2.15 -17.09 26.24
C ALA A 339 -1.32 -17.51 25.04
N GLY A 340 -1.04 -16.59 24.11
CA GLY A 340 -0.35 -16.97 22.89
C GLY A 340 -1.20 -17.75 21.92
N GLU A 341 -2.52 -17.68 22.03
CA GLU A 341 -3.41 -18.38 21.10
C GLU A 341 -3.46 -17.65 19.76
N ILE A 342 -3.26 -18.40 18.66
CA ILE A 342 -3.21 -17.75 17.36
C ILE A 342 -4.53 -17.06 17.04
N LEU A 343 -5.64 -17.57 17.58
CA LEU A 343 -6.93 -16.91 17.35
C LEU A 343 -6.88 -15.43 17.76
N GLY A 344 -6.16 -15.13 18.83
CA GLY A 344 -6.07 -13.74 19.28
C GLY A 344 -5.44 -12.84 18.23
N ALA A 345 -4.33 -13.29 17.64
CA ALA A 345 -3.67 -12.49 16.61
C ALA A 345 -4.54 -12.37 15.38
N MET A 346 -5.27 -13.44 15.04
CA MET A 346 -6.15 -13.40 13.88
C MET A 346 -7.27 -12.37 14.09
N LEU A 347 -7.85 -12.32 15.30
CA LEU A 347 -8.93 -11.39 15.54
C LEU A 347 -8.43 -9.94 15.52
N MET A 348 -7.28 -9.70 16.17
N MET A 348 -7.27 -9.69 16.13
CA MET A 348 -6.65 -8.38 16.14
CA MET A 348 -6.74 -8.33 16.11
C MET A 348 -6.38 -7.93 14.71
C MET A 348 -6.36 -7.91 14.70
N THR A 349 -5.83 -8.84 13.90
CA THR A 349 -5.47 -8.48 12.54
C THR A 349 -6.72 -8.20 11.70
N GLU A 350 -7.75 -9.04 11.82
CA GLU A 350 -9.01 -8.76 11.12
C GLU A 350 -9.57 -7.39 11.51
N HIS A 351 -9.61 -7.11 12.81
CA HIS A 351 -10.11 -5.82 13.27
C HIS A 351 -9.29 -4.67 12.69
N ASN A 352 -7.96 -4.79 12.73
CA ASN A 352 -7.13 -3.68 12.25
C ASN A 352 -7.34 -3.43 10.76
N ILE A 353 -7.42 -4.50 9.95
CA ILE A 353 -7.65 -4.28 8.52
C ILE A 353 -9.02 -3.68 8.28
N ALA A 354 -10.02 -4.15 9.03
CA ALA A 354 -11.38 -3.59 8.88
C ALA A 354 -11.44 -2.15 9.36
N PHE A 355 -10.77 -1.83 10.47
CA PHE A 355 -10.70 -0.44 10.93
C PHE A 355 -10.12 0.46 9.82
N TYR A 356 -9.02 0.00 9.18
CA TYR A 356 -8.46 0.78 8.08
C TYR A 356 -9.48 0.98 6.97
N GLN A 357 -10.27 -0.05 6.64
CA GLN A 357 -11.25 0.10 5.56
C GLN A 357 -12.37 1.05 5.99
N GLN A 358 -12.75 1.02 7.27
CA GLN A 358 -13.75 1.95 7.75
C GLN A 358 -13.22 3.37 7.77
N LEU A 359 -11.93 3.55 8.06
CA LEU A 359 -11.32 4.87 7.91
C LEU A 359 -11.42 5.34 6.46
N MET A 360 -11.10 4.47 5.50
CA MET A 360 -11.21 4.89 4.09
C MET A 360 -12.65 5.22 3.73
N GLN A 361 -13.61 4.45 4.24
CA GLN A 361 -15.01 4.74 3.93
C GLN A 361 -15.45 6.08 4.52
N LYS A 362 -15.04 6.39 5.75
CA LYS A 362 -15.39 7.70 6.31
C LYS A 362 -14.74 8.83 5.52
N ILE A 363 -13.53 8.60 5.03
CA ILE A 363 -12.85 9.58 4.18
C ILE A 363 -13.64 9.79 2.90
N ARG A 364 -14.04 8.69 2.24
CA ARG A 364 -14.78 8.80 0.99
C ARG A 364 -16.12 9.51 1.20
N ASP A 365 -16.87 9.10 2.22
CA ASP A 365 -18.17 9.70 2.48
C ASP A 365 -18.03 11.19 2.81
N SER A 366 -17.03 11.55 3.61
CA SER A 366 -16.91 12.94 4.02
C SER A 366 -16.48 13.83 2.86
N ILE A 367 -15.60 13.35 1.97
CA ILE A 367 -15.30 14.12 0.76
C ILE A 367 -16.56 14.29 -0.07
N SER A 368 -17.30 13.19 -0.27
N SER A 368 -17.31 13.20 -0.25
CA SER A 368 -18.53 13.25 -1.07
CA SER A 368 -18.53 13.24 -1.07
C SER A 368 -19.48 14.32 -0.55
C SER A 368 -19.51 14.28 -0.55
N GLU A 369 -19.60 14.45 0.77
CA GLU A 369 -20.50 15.41 1.39
C GLU A 369 -19.88 16.77 1.60
N GLY A 370 -18.63 16.96 1.18
CA GLY A 370 -17.98 18.25 1.35
C GLY A 370 -17.66 18.61 2.79
N ARG A 371 -17.41 17.62 3.65
CA ARG A 371 -17.10 17.84 5.06
C ARG A 371 -15.83 17.09 5.47
N PHE A 372 -14.91 16.87 4.53
CA PHE A 372 -13.70 16.12 4.86
C PHE A 372 -12.75 16.95 5.72
N SER A 373 -12.65 18.26 5.45
CA SER A 373 -11.78 19.09 6.29
C SER A 373 -12.22 19.02 7.74
N GLN A 374 -13.53 19.02 7.98
CA GLN A 374 -14.03 18.87 9.35
C GLN A 374 -13.72 17.49 9.90
N PHE A 375 -13.94 16.47 9.07
CA PHE A 375 -13.64 15.11 9.51
C PHE A 375 -12.19 14.98 9.93
N ALA A 376 -11.26 15.53 9.13
CA ALA A 376 -9.85 15.41 9.46
C ALA A 376 -9.53 16.06 10.80
N GLN A 377 -10.07 17.27 11.04
CA GLN A 377 -9.84 17.94 12.31
C GLN A 377 -10.45 17.17 13.47
N ASP A 378 -11.70 16.71 13.32
CA ASP A 378 -12.33 15.89 14.34
C ASP A 378 -11.54 14.61 14.58
N PHE A 379 -11.04 14.00 13.50
CA PHE A 379 -10.30 12.75 13.65
C PHE A 379 -9.04 12.97 14.46
N ARG A 380 -8.27 14.00 14.12
CA ARG A 380 -7.01 14.23 14.82
C ARG A 380 -7.23 14.55 16.29
N ALA A 381 -8.22 15.39 16.59
CA ALA A 381 -8.48 15.76 17.98
C ALA A 381 -8.75 14.52 18.83
N ARG A 382 -9.55 13.60 18.31
CA ARG A 382 -9.89 12.40 19.07
C ARG A 382 -8.74 11.39 19.04
N TYR A 383 -8.11 11.19 17.89
CA TYR A 383 -7.08 10.16 17.77
C TYR A 383 -5.89 10.46 18.67
N PHE A 384 -5.58 11.74 18.84
CA PHE A 384 -4.40 12.11 19.63
C PHE A 384 -4.71 12.43 21.08
N ALA A 385 -5.98 12.67 21.42
CA ALA A 385 -6.35 12.76 22.83
C ALA A 385 -6.11 11.43 23.55
N ARG A 386 -6.40 10.32 22.86
CA ARG A 386 -6.13 8.95 23.36
C ARG A 386 -7.05 8.58 24.53
N ASN A 387 -8.30 9.04 24.50
CA ASN A 387 -9.28 8.69 25.53
C ASN A 387 -9.95 7.37 25.17
N SER A 388 -9.15 6.29 25.22
CA SER A 388 -9.58 4.97 24.80
C SER A 388 -10.32 4.21 25.90
ZN ZN B . -13.34 -3.89 14.96
C1 GOL C . -14.24 -23.31 5.30
O1 GOL C . -15.25 -23.72 6.17
C2 GOL C . -13.76 -21.92 5.78
O2 GOL C . -13.61 -21.88 7.16
C3 GOL C . -14.83 -20.91 5.26
O3 GOL C . -14.31 -19.57 5.46
C1 GOL D . 22.36 -6.92 -14.30
O1 GOL D . 22.77 -7.09 -12.97
C2 GOL D . 21.49 -8.14 -14.65
O2 GOL D . 21.69 -8.53 -15.98
C3 GOL D . 20.05 -7.66 -14.41
O3 GOL D . 19.82 -6.55 -15.24
C1 GOL E . -11.60 -12.02 -3.69
O1 GOL E . -12.54 -11.19 -3.20
C2 GOL E . -12.19 -13.45 -3.44
O2 GOL E . -11.51 -14.49 -4.13
C3 GOL E . -12.18 -13.62 -1.89
O3 GOL E . -13.54 -13.74 -1.49
C1 GOL F . -3.83 -9.67 4.75
C1 GOL F . -3.31 -9.50 5.27
O1 GOL F . -2.82 -8.73 5.00
O1 GOL F . -3.95 -9.38 4.04
C2 GOL F . -3.37 -11.01 5.36
C2 GOL F . -3.56 -10.94 5.78
O2 GOL F . -2.07 -11.34 4.97
O2 GOL F . -2.78 -11.87 5.12
C3 GOL F . -3.50 -10.84 6.89
C3 GOL F . -3.25 -10.88 7.30
O3 GOL F . -3.19 -12.09 7.46
O3 GOL F . -3.07 -12.20 7.73
C1 QTQ G . -4.14 -14.39 1.12
C2 QTQ G . -4.01 -14.03 2.59
C3 QTQ G . -5.20 -13.15 2.91
O1 QTQ G . -4.63 -10.81 1.78
O2 QTQ G . -5.26 -15.24 0.86
O3 QTQ G . -2.82 -13.26 2.74
C QTQ G . -4.32 -13.06 0.40
O QTQ G . -6.66 -11.97 1.02
S QTQ G . -5.31 -12.05 1.50
C1 QTQ H . 13.65 -16.44 -11.84
C2 QTQ H . 14.01 -16.24 -10.37
C3 QTQ H . 12.82 -16.78 -9.57
O1 QTQ H . 10.59 -15.42 -10.00
O2 QTQ H . 13.57 -17.84 -12.11
O3 QTQ H . 14.23 -14.88 -10.05
C QTQ H . 12.27 -15.85 -12.00
O QTQ H . 10.72 -17.71 -10.91
S QTQ H . 11.38 -16.47 -10.58
C1 EDO I . 17.26 -1.50 -6.70
O1 EDO I . 16.92 -0.80 -7.90
C2 EDO I . 17.55 -0.48 -5.60
O2 EDO I . 16.37 0.32 -5.40
#